data_1SFL
#
_entry.id   1SFL
#
_cell.length_a   77.058
_cell.length_b   77.058
_cell.length_c   175.227
_cell.angle_alpha   90.00
_cell.angle_beta   90.00
_cell.angle_gamma   90.00
#
_symmetry.space_group_name_H-M   'P 41 21 2'
#
loop_
_entity.id
_entity.type
_entity.pdbx_description
1 polymer '3-dehydroquinate dehydratase'
2 water water
#
_entity_poly.entity_id   1
_entity_poly.type   'polypeptide(L)'
_entity_poly.pdbx_seq_one_letter_code
;MTHVEVVATITPQLSIEETLIQKINHRIDAIDVLELRIDQFENVTVDQVAEMITKLKVMQDSFKLLVTYRTKLQGGYGQF
TNDSYLNLISDLANINGIDMIDIEWQADIDIEKHQRIITHLQQYNKEVIISHHNFESTPPLDELQFIFFKMQKFNPEYVK
LAVMPHNKNDVLNLLQAMSTFSDTMDCKVVGISMSKLGLISRTAQGVFGGALTYGCIGEPQAPGQIDVTDLKAQVTLY
;
_entity_poly.pdbx_strand_id   A,B
#
# COMPACT_ATOMS: atom_id res chain seq x y z
N HIS A 3 7.58 6.84 -14.33
CA HIS A 3 6.29 6.37 -13.75
C HIS A 3 6.11 4.86 -13.96
N VAL A 4 5.09 4.28 -13.33
CA VAL A 4 4.84 2.84 -13.45
C VAL A 4 4.06 2.49 -14.70
N GLU A 5 4.56 1.51 -15.45
CA GLU A 5 3.91 1.06 -16.65
C GLU A 5 3.02 -0.14 -16.29
N VAL A 6 1.76 -0.05 -16.65
CA VAL A 6 0.83 -1.14 -16.35
C VAL A 6 0.91 -2.25 -17.39
N VAL A 7 1.15 -3.47 -16.92
CA VAL A 7 1.26 -4.62 -17.80
C VAL A 7 -0.02 -5.43 -17.80
N ALA A 8 -0.44 -5.83 -18.99
CA ALA A 8 -1.64 -6.63 -19.19
C ALA A 8 -1.12 -7.98 -19.68
N THR A 9 -1.33 -9.04 -18.91
CA THR A 9 -0.85 -10.35 -19.32
C THR A 9 -1.92 -11.17 -20.01
N ILE A 10 -1.58 -11.68 -21.19
CA ILE A 10 -2.48 -12.51 -21.97
C ILE A 10 -1.81 -13.84 -22.32
N THR A 11 -2.65 -14.85 -22.52
CA THR A 11 -2.22 -16.21 -22.84
C THR A 11 -3.24 -16.81 -23.83
N PRO A 12 -3.21 -16.36 -25.09
CA PRO A 12 -4.11 -16.79 -26.16
C PRO A 12 -3.85 -18.21 -26.63
N GLN A 13 -4.23 -18.49 -27.88
CA GLN A 13 -4.04 -19.82 -28.48
C GLN A 13 -4.12 -19.77 -30.00
N LEU A 14 -3.02 -19.38 -30.63
CA LEU A 14 -2.93 -19.30 -32.09
C LEU A 14 -4.16 -18.60 -32.68
N GLU A 18 -10.65 -13.60 -31.12
CA GLU A 18 -10.82 -12.16 -31.28
C GLU A 18 -11.60 -11.52 -30.13
N THR A 19 -12.27 -12.34 -29.32
CA THR A 19 -13.04 -11.83 -28.19
C THR A 19 -12.05 -11.12 -27.26
N LEU A 20 -10.80 -11.56 -27.32
CA LEU A 20 -9.72 -11.01 -26.50
C LEU A 20 -9.31 -9.68 -27.13
N ILE A 21 -9.23 -9.66 -28.46
CA ILE A 21 -8.86 -8.47 -29.21
C ILE A 21 -9.76 -7.32 -28.83
N GLN A 22 -11.01 -7.63 -28.53
CA GLN A 22 -11.98 -6.61 -28.17
C GLN A 22 -11.81 -6.17 -26.71
N LYS A 23 -11.58 -7.12 -25.81
CA LYS A 23 -11.41 -6.80 -24.40
C LYS A 23 -10.13 -6.02 -24.14
N ILE A 24 -9.13 -6.20 -24.98
CA ILE A 24 -7.88 -5.46 -24.82
C ILE A 24 -8.06 -4.05 -25.34
N ASN A 25 -8.75 -3.90 -26.47
CA ASN A 25 -8.95 -2.57 -27.04
C ASN A 25 -9.84 -1.75 -26.10
N HIS A 26 -10.67 -2.45 -25.34
CA HIS A 26 -11.57 -1.81 -24.38
C HIS A 26 -10.75 -1.17 -23.26
N ARG A 27 -9.70 -1.86 -22.83
CA ARG A 27 -8.85 -1.37 -21.76
C ARG A 27 -7.56 -0.76 -22.30
N ILE A 28 -7.54 -0.46 -23.59
CA ILE A 28 -6.37 0.11 -24.24
C ILE A 28 -5.76 1.33 -23.54
N ASP A 29 -6.58 2.09 -22.81
CA ASP A 29 -6.09 3.27 -22.13
C ASP A 29 -5.33 2.97 -20.85
N ALA A 30 -5.54 1.77 -20.31
CA ALA A 30 -4.86 1.35 -19.07
C ALA A 30 -3.64 0.48 -19.34
N ILE A 31 -3.38 0.17 -20.62
CA ILE A 31 -2.27 -0.69 -21.01
C ILE A 31 -1.05 0.04 -21.58
N ASP A 32 0.08 -0.05 -20.88
CA ASP A 32 1.33 0.55 -21.31
C ASP A 32 2.20 -0.55 -21.92
N VAL A 33 1.97 -1.79 -21.46
CA VAL A 33 2.71 -2.94 -21.96
C VAL A 33 1.75 -4.11 -22.08
N LEU A 34 1.86 -4.84 -23.18
CA LEU A 34 1.00 -5.99 -23.36
C LEU A 34 1.90 -7.21 -23.31
N GLU A 35 1.89 -7.91 -22.18
CA GLU A 35 2.71 -9.09 -22.04
C GLU A 35 2.07 -10.27 -22.74
N LEU A 36 2.75 -10.77 -23.76
CA LEU A 36 2.27 -11.90 -24.52
C LEU A 36 3.03 -13.13 -24.06
N ARG A 37 2.36 -13.92 -23.23
CA ARG A 37 2.93 -15.16 -22.72
C ARG A 37 2.76 -16.18 -23.83
N ILE A 38 3.79 -16.98 -24.10
CA ILE A 38 3.67 -17.99 -25.16
C ILE A 38 3.91 -19.40 -24.65
N ASP A 39 4.38 -19.52 -23.42
CA ASP A 39 4.65 -20.84 -22.84
C ASP A 39 3.41 -21.73 -22.75
N GLN A 40 2.24 -21.19 -23.07
CA GLN A 40 1.02 -21.97 -23.01
C GLN A 40 0.77 -22.68 -24.35
N PHE A 41 1.76 -22.60 -25.26
CA PHE A 41 1.68 -23.22 -26.58
C PHE A 41 2.68 -24.34 -26.75
N GLU A 42 2.22 -25.48 -27.25
CA GLU A 42 3.07 -26.63 -27.47
C GLU A 42 3.93 -26.44 -28.72
N ASN A 43 5.24 -26.57 -28.56
CA ASN A 43 6.16 -26.41 -29.66
C ASN A 43 6.00 -25.02 -30.29
N VAL A 44 6.32 -23.99 -29.51
CA VAL A 44 6.22 -22.63 -29.99
C VAL A 44 7.40 -22.32 -30.90
N THR A 45 7.09 -21.74 -32.05
CA THR A 45 8.12 -21.36 -33.01
C THR A 45 8.08 -19.86 -33.08
N VAL A 46 9.24 -19.24 -33.28
CA VAL A 46 9.35 -17.78 -33.38
C VAL A 46 8.45 -17.30 -34.53
N ASP A 47 8.13 -18.19 -35.46
CA ASP A 47 7.29 -17.86 -36.60
C ASP A 47 5.84 -17.68 -36.15
N GLN A 48 5.35 -18.62 -35.34
CA GLN A 48 3.98 -18.53 -34.84
C GLN A 48 3.86 -17.26 -33.98
N VAL A 49 4.91 -17.00 -33.21
CA VAL A 49 4.96 -15.82 -32.34
C VAL A 49 4.77 -14.57 -33.20
N ALA A 50 5.50 -14.50 -34.29
CA ALA A 50 5.40 -13.36 -35.19
C ALA A 50 3.99 -13.24 -35.78
N GLU A 51 3.37 -14.39 -36.07
CA GLU A 51 2.00 -14.43 -36.62
C GLU A 51 1.00 -13.77 -35.67
N MET A 52 1.10 -14.14 -34.40
CA MET A 52 0.22 -13.62 -33.37
C MET A 52 0.40 -12.12 -33.15
N ILE A 53 1.66 -11.70 -33.02
CA ILE A 53 2.00 -10.30 -32.81
C ILE A 53 1.40 -9.39 -33.89
N THR A 54 1.52 -9.80 -35.16
CA THR A 54 0.98 -9.01 -36.27
C THR A 54 -0.53 -8.90 -36.19
N LYS A 55 -1.15 -9.93 -35.61
CA LYS A 55 -2.60 -9.99 -35.48
C LYS A 55 -3.09 -9.10 -34.33
N LEU A 56 -2.18 -8.71 -33.46
CA LEU A 56 -2.51 -7.84 -32.33
C LEU A 56 -2.16 -6.40 -32.70
N LYS A 57 -0.86 -6.18 -32.95
CA LYS A 57 -0.32 -4.87 -33.30
C LYS A 57 -1.01 -4.29 -34.53
N ASP A 61 -1.03 0.71 -31.68
CA ASP A 61 0.34 1.19 -31.46
C ASP A 61 0.42 2.16 -30.28
N SER A 62 -0.18 1.78 -29.16
CA SER A 62 -0.18 2.62 -27.96
C SER A 62 0.48 1.94 -26.76
N PHE A 63 1.08 0.78 -26.99
CA PHE A 63 1.73 0.04 -25.93
C PHE A 63 2.90 -0.79 -26.43
N LYS A 64 3.85 -1.08 -25.53
CA LYS A 64 5.00 -1.90 -25.88
C LYS A 64 4.53 -3.35 -25.93
N LEU A 65 5.30 -4.19 -26.60
CA LEU A 65 4.96 -5.59 -26.69
C LEU A 65 6.03 -6.43 -26.00
N LEU A 66 5.66 -7.03 -24.89
CA LEU A 66 6.54 -7.88 -24.12
C LEU A 66 6.18 -9.31 -24.45
N VAL A 67 7.18 -10.11 -24.79
CA VAL A 67 6.94 -11.51 -25.09
C VAL A 67 7.56 -12.33 -23.95
N THR A 68 6.73 -13.15 -23.33
CA THR A 68 7.18 -13.96 -22.21
C THR A 68 6.96 -15.46 -22.32
N TYR A 69 8.05 -16.19 -22.16
CA TYR A 69 8.02 -17.64 -22.18
C TYR A 69 8.39 -18.05 -20.77
N ARG A 70 7.38 -18.40 -19.99
CA ARG A 70 7.57 -18.81 -18.61
C ARG A 70 7.66 -20.34 -18.55
N THR A 71 8.84 -20.81 -18.16
CA THR A 71 9.11 -22.23 -18.04
C THR A 71 8.36 -22.82 -16.85
N LYS A 72 7.97 -24.08 -16.99
CA LYS A 72 7.24 -24.83 -15.95
C LYS A 72 7.85 -24.58 -14.58
N LEU A 73 9.18 -24.70 -14.54
CA LEU A 73 9.95 -24.49 -13.32
C LEU A 73 9.49 -23.23 -12.59
N GLN A 74 9.50 -22.10 -13.29
CA GLN A 74 9.11 -20.84 -12.68
C GLN A 74 7.63 -20.46 -12.75
N GLY A 75 6.76 -21.44 -12.56
CA GLY A 75 5.34 -21.18 -12.55
C GLY A 75 4.59 -21.17 -13.87
N GLY A 76 5.31 -21.35 -14.97
CA GLY A 76 4.65 -21.34 -16.27
C GLY A 76 4.22 -22.73 -16.73
N TYR A 77 4.14 -22.90 -18.05
CA TYR A 77 3.76 -24.19 -18.63
C TYR A 77 4.85 -24.68 -19.59
N GLY A 78 5.70 -23.74 -20.00
CA GLY A 78 6.78 -24.06 -20.93
C GLY A 78 7.63 -25.28 -20.65
N GLN A 79 7.50 -26.28 -21.50
CA GLN A 79 8.27 -27.52 -21.37
C GLN A 79 9.39 -27.58 -22.40
N PHE A 80 10.30 -26.63 -22.36
CA PHE A 80 11.42 -26.63 -23.30
C PHE A 80 12.73 -26.94 -22.60
N THR A 81 13.68 -27.47 -23.36
CA THR A 81 14.99 -27.78 -22.81
C THR A 81 15.51 -26.40 -22.45
N ASN A 82 16.53 -26.35 -21.59
CA ASN A 82 17.10 -25.07 -21.24
C ASN A 82 17.75 -24.50 -22.50
N ASP A 83 18.23 -25.43 -23.35
CA ASP A 83 18.90 -25.09 -24.60
C ASP A 83 17.94 -24.54 -25.65
N SER A 84 16.82 -25.22 -25.85
CA SER A 84 15.82 -24.79 -26.82
C SER A 84 15.11 -23.54 -26.31
N TYR A 85 15.05 -23.39 -24.98
CA TYR A 85 14.43 -22.22 -24.36
C TYR A 85 15.32 -21.00 -24.59
N LEU A 86 16.60 -21.12 -24.24
CA LEU A 86 17.54 -20.04 -24.43
C LEU A 86 17.75 -19.70 -25.90
N ASN A 87 17.48 -20.67 -26.77
CA ASN A 87 17.61 -20.44 -28.20
C ASN A 87 16.33 -19.80 -28.72
N LEU A 88 15.21 -20.12 -28.09
CA LEU A 88 13.93 -19.54 -28.48
C LEU A 88 13.97 -18.04 -28.18
N ILE A 89 14.53 -17.70 -27.02
CA ILE A 89 14.64 -16.32 -26.58
C ILE A 89 15.59 -15.49 -27.45
N SER A 90 16.66 -16.13 -27.90
CA SER A 90 17.64 -15.48 -28.76
C SER A 90 17.00 -15.17 -30.12
N ASP A 91 16.21 -16.10 -30.63
CA ASP A 91 15.55 -15.94 -31.92
C ASP A 91 14.40 -14.93 -31.93
N LEU A 92 13.84 -14.64 -30.76
CA LEU A 92 12.73 -13.69 -30.67
C LEU A 92 13.21 -12.29 -31.02
N ALA A 93 14.51 -12.07 -30.88
CA ALA A 93 15.11 -10.77 -31.19
C ALA A 93 14.93 -10.37 -32.65
N ASN A 94 14.65 -11.34 -33.52
CA ASN A 94 14.47 -11.05 -34.93
C ASN A 94 13.09 -10.46 -35.24
N ILE A 95 12.12 -10.67 -34.37
CA ILE A 95 10.77 -10.14 -34.59
C ILE A 95 10.73 -8.65 -34.25
N ASN A 96 10.63 -7.84 -35.30
CA ASN A 96 10.61 -6.38 -35.16
C ASN A 96 9.48 -5.85 -34.28
N GLY A 97 8.33 -6.53 -34.29
CA GLY A 97 7.19 -6.10 -33.49
C GLY A 97 7.33 -6.21 -31.98
N ILE A 98 8.32 -7.00 -31.53
CA ILE A 98 8.58 -7.20 -30.11
C ILE A 98 9.44 -6.07 -29.53
N ASP A 99 9.03 -5.51 -28.39
CA ASP A 99 9.79 -4.42 -27.77
C ASP A 99 10.56 -4.86 -26.54
N MET A 100 10.02 -5.85 -25.84
CA MET A 100 10.64 -6.34 -24.63
C MET A 100 10.63 -7.85 -24.62
N ILE A 101 11.68 -8.42 -24.04
CA ILE A 101 11.80 -9.87 -23.94
C ILE A 101 12.16 -10.24 -22.51
N ASP A 102 11.45 -11.25 -21.98
CA ASP A 102 11.67 -11.75 -20.62
C ASP A 102 12.61 -12.97 -20.68
N ILE A 103 13.73 -12.90 -19.96
CA ILE A 103 14.69 -14.00 -19.89
C ILE A 103 14.83 -14.39 -18.43
N GLU A 104 14.61 -15.68 -18.14
CA GLU A 104 14.69 -16.17 -16.77
C GLU A 104 16.09 -16.34 -16.18
N TRP A 105 16.18 -16.14 -14.87
CA TRP A 105 17.43 -16.28 -14.13
C TRP A 105 17.27 -17.30 -12.99
N GLN A 106 18.39 -17.92 -12.62
CA GLN A 106 18.44 -18.92 -11.55
C GLN A 106 19.91 -19.28 -11.34
N ALA A 107 20.41 -18.97 -10.14
CA ALA A 107 21.81 -19.20 -9.73
C ALA A 107 22.66 -20.23 -10.47
N ASP A 108 22.06 -21.27 -11.03
CA ASP A 108 22.84 -22.29 -11.74
C ASP A 108 23.18 -21.98 -13.20
N ILE A 109 22.39 -21.11 -13.85
CA ILE A 109 22.61 -20.79 -15.26
C ILE A 109 24.05 -20.45 -15.67
N ASP A 110 24.30 -20.54 -16.97
CA ASP A 110 25.62 -20.24 -17.54
C ASP A 110 25.71 -18.72 -17.67
N ILE A 111 26.44 -18.10 -16.76
CA ILE A 111 26.60 -16.66 -16.75
C ILE A 111 27.01 -16.07 -18.09
N GLU A 112 28.06 -16.63 -18.69
CA GLU A 112 28.56 -16.12 -19.97
C GLU A 112 27.61 -16.35 -21.15
N LYS A 113 26.89 -17.47 -21.15
CA LYS A 113 25.94 -17.75 -22.22
C LYS A 113 24.76 -16.78 -22.11
N HIS A 114 24.36 -16.50 -20.87
CA HIS A 114 23.26 -15.57 -20.61
C HIS A 114 23.65 -14.17 -21.04
N GLN A 115 24.85 -13.76 -20.65
CA GLN A 115 25.37 -12.44 -21.00
C GLN A 115 25.46 -12.32 -22.52
N ARG A 116 25.81 -13.43 -23.16
CA ARG A 116 25.92 -13.47 -24.61
C ARG A 116 24.56 -13.25 -25.23
N ILE A 117 23.52 -13.82 -24.62
CA ILE A 117 22.17 -13.69 -25.13
C ILE A 117 21.54 -12.34 -24.83
N ILE A 118 21.83 -11.80 -23.65
CA ILE A 118 21.29 -10.50 -23.28
C ILE A 118 21.89 -9.41 -24.19
N THR A 119 23.20 -9.37 -24.33
CA THR A 119 23.83 -8.37 -25.20
C THR A 119 23.25 -8.50 -26.61
N HIS A 120 23.02 -9.74 -27.07
CA HIS A 120 22.46 -10.01 -28.39
C HIS A 120 21.13 -9.28 -28.57
N LEU A 121 20.24 -9.48 -27.61
CA LEU A 121 18.91 -8.87 -27.63
C LEU A 121 18.97 -7.36 -27.64
N GLN A 122 19.90 -6.81 -26.85
CA GLN A 122 20.06 -5.36 -26.77
C GLN A 122 20.67 -4.78 -28.06
N GLN A 123 21.32 -5.64 -28.85
CA GLN A 123 21.91 -5.22 -30.13
C GLN A 123 20.78 -5.06 -31.15
N TYR A 124 19.70 -5.82 -30.92
CA TYR A 124 18.52 -5.77 -31.76
C TYR A 124 17.51 -4.79 -31.15
N ASN A 125 18.01 -3.93 -30.27
CA ASN A 125 17.22 -2.91 -29.57
C ASN A 125 15.99 -3.44 -28.82
N LYS A 126 16.15 -4.54 -28.10
CA LYS A 126 15.03 -5.05 -27.32
C LYS A 126 15.34 -4.75 -25.87
N GLU A 127 14.30 -4.40 -25.12
CA GLU A 127 14.44 -4.12 -23.71
C GLU A 127 14.42 -5.47 -23.01
N VAL A 128 15.46 -5.76 -22.24
CA VAL A 128 15.54 -7.05 -21.55
C VAL A 128 15.01 -7.00 -20.11
N ILE A 129 14.12 -7.93 -19.79
CA ILE A 129 13.56 -8.07 -18.44
C ILE A 129 14.09 -9.40 -17.92
N ILE A 130 15.09 -9.35 -17.05
CA ILE A 130 15.65 -10.55 -16.46
C ILE A 130 14.76 -10.79 -15.26
N SER A 131 14.19 -11.99 -15.19
CA SER A 131 13.25 -12.30 -14.12
C SER A 131 13.50 -13.56 -13.30
N HIS A 132 12.98 -13.55 -12.07
CA HIS A 132 13.08 -14.68 -11.17
C HIS A 132 11.79 -14.80 -10.34
N HIS A 133 11.21 -15.99 -10.33
CA HIS A 133 9.96 -16.26 -9.60
C HIS A 133 10.02 -17.39 -8.57
N ASN A 134 9.43 -17.12 -7.40
CA ASN A 134 9.34 -18.11 -6.34
C ASN A 134 7.88 -18.10 -5.91
N PHE A 135 7.12 -19.07 -6.41
CA PHE A 135 5.69 -19.18 -6.09
C PHE A 135 5.45 -19.84 -4.75
N GLU A 136 6.52 -20.28 -4.10
CA GLU A 136 6.40 -20.98 -2.83
C GLU A 136 6.61 -20.11 -1.60
N SER A 137 7.62 -19.25 -1.62
CA SER A 137 7.92 -18.42 -0.46
C SER A 137 8.65 -17.13 -0.83
N THR A 138 9.01 -16.38 0.20
CA THR A 138 9.75 -15.14 0.05
C THR A 138 11.02 -15.23 0.88
N PRO A 139 12.20 -15.24 0.24
CA PRO A 139 13.47 -15.32 0.97
C PRO A 139 13.66 -14.12 1.91
N PRO A 140 14.64 -14.19 2.83
CA PRO A 140 14.89 -13.07 3.75
C PRO A 140 15.32 -11.83 2.96
N LEU A 141 15.15 -10.65 3.54
CA LEU A 141 15.53 -9.40 2.87
C LEU A 141 16.89 -9.49 2.19
N ASP A 142 17.90 -9.92 2.95
CA ASP A 142 19.26 -10.05 2.44
C ASP A 142 19.32 -10.91 1.18
N GLU A 143 18.62 -12.04 1.18
CA GLU A 143 18.60 -12.94 0.03
C GLU A 143 17.87 -12.32 -1.15
N LEU A 144 16.86 -11.49 -0.87
CA LEU A 144 16.10 -10.83 -1.93
C LEU A 144 17.07 -9.90 -2.63
N GLN A 145 17.85 -9.18 -1.82
CA GLN A 145 18.85 -8.24 -2.32
C GLN A 145 19.94 -8.99 -3.07
N PHE A 146 20.22 -10.22 -2.65
CA PHE A 146 21.23 -11.05 -3.29
C PHE A 146 20.78 -11.40 -4.71
N ILE A 147 19.52 -11.81 -4.83
CA ILE A 147 18.95 -12.17 -6.13
C ILE A 147 19.01 -10.99 -7.10
N PHE A 148 18.56 -9.83 -6.62
CA PHE A 148 18.54 -8.60 -7.41
C PHE A 148 19.92 -8.25 -7.95
N PHE A 149 20.91 -8.30 -7.07
CA PHE A 149 22.31 -7.99 -7.40
C PHE A 149 22.87 -8.88 -8.51
N LYS A 150 22.57 -10.16 -8.44
CA LYS A 150 23.04 -11.13 -9.44
C LYS A 150 22.44 -10.80 -10.79
N MET A 151 21.12 -10.58 -10.82
CA MET A 151 20.40 -10.26 -12.05
C MET A 151 20.87 -8.92 -12.62
N GLN A 152 21.15 -7.96 -11.74
CA GLN A 152 21.60 -6.63 -12.13
C GLN A 152 22.91 -6.67 -12.91
N LYS A 153 23.80 -7.58 -12.52
CA LYS A 153 25.11 -7.73 -13.19
C LYS A 153 25.04 -7.83 -14.71
N PHE A 154 23.97 -8.45 -15.23
CA PHE A 154 23.81 -8.61 -16.67
C PHE A 154 23.42 -7.33 -17.39
N ASN A 155 23.34 -6.24 -16.63
CA ASN A 155 22.96 -4.94 -17.16
C ASN A 155 21.77 -5.00 -18.12
N PRO A 156 20.61 -5.50 -17.63
CA PRO A 156 19.42 -5.61 -18.47
C PRO A 156 18.65 -4.29 -18.32
N GLU A 157 17.55 -4.15 -19.04
CA GLU A 157 16.74 -2.94 -18.93
C GLU A 157 15.98 -2.97 -17.59
N TYR A 158 15.48 -4.15 -17.23
CA TYR A 158 14.71 -4.35 -16.00
C TYR A 158 15.10 -5.63 -15.25
N VAL A 159 15.05 -5.59 -13.93
CA VAL A 159 15.31 -6.78 -13.14
C VAL A 159 13.97 -7.06 -12.46
N LYS A 160 13.43 -8.26 -12.64
CA LYS A 160 12.13 -8.62 -12.08
C LYS A 160 12.17 -9.77 -11.05
N LEU A 161 11.57 -9.54 -9.89
CA LEU A 161 11.53 -10.55 -8.83
C LEU A 161 10.12 -10.75 -8.27
N ALA A 162 9.57 -11.96 -8.43
CA ALA A 162 8.23 -12.25 -7.94
C ALA A 162 8.34 -13.29 -6.82
N VAL A 163 7.73 -12.99 -5.68
CA VAL A 163 7.79 -13.90 -4.54
C VAL A 163 6.44 -14.07 -3.84
N MET A 164 6.27 -15.23 -3.21
CA MET A 164 5.04 -15.55 -2.51
C MET A 164 5.23 -15.27 -1.02
N PRO A 165 4.49 -14.28 -0.47
CA PRO A 165 4.62 -13.95 0.95
C PRO A 165 3.83 -14.93 1.81
N HIS A 166 4.29 -15.13 3.04
CA HIS A 166 3.60 -16.01 3.96
C HIS A 166 3.01 -15.14 5.06
N ASN A 167 3.64 -13.98 5.25
CA ASN A 167 3.25 -13.04 6.27
C ASN A 167 3.52 -11.60 5.85
N LYS A 168 3.08 -10.65 6.66
CA LYS A 168 3.26 -9.22 6.40
C LYS A 168 4.73 -8.79 6.21
N ASN A 169 5.63 -9.37 6.99
CA ASN A 169 7.05 -9.06 6.90
C ASN A 169 7.61 -9.42 5.53
N ASP A 170 7.08 -10.48 4.93
CA ASP A 170 7.51 -10.92 3.61
C ASP A 170 7.15 -9.86 2.56
N VAL A 171 6.01 -9.21 2.75
CA VAL A 171 5.56 -8.16 1.82
C VAL A 171 6.46 -6.94 1.98
N LEU A 172 6.68 -6.52 3.22
CA LEU A 172 7.52 -5.37 3.54
C LEU A 172 8.96 -5.62 3.10
N ASN A 173 9.41 -6.86 3.23
CA ASN A 173 10.77 -7.22 2.81
C ASN A 173 10.92 -7.06 1.30
N LEU A 174 9.92 -7.50 0.55
CA LEU A 174 9.98 -7.37 -0.90
C LEU A 174 10.00 -5.88 -1.26
N LEU A 175 9.14 -5.10 -0.62
CA LEU A 175 9.08 -3.66 -0.87
C LEU A 175 10.37 -2.96 -0.53
N GLN A 176 10.99 -3.41 0.57
CA GLN A 176 12.24 -2.82 1.03
C GLN A 176 13.35 -3.16 0.04
N ALA A 177 13.43 -4.43 -0.33
CA ALA A 177 14.46 -4.86 -1.26
C ALA A 177 14.38 -4.03 -2.54
N MET A 178 13.17 -3.94 -3.08
CA MET A 178 12.91 -3.19 -4.30
C MET A 178 13.21 -1.71 -4.15
N SER A 179 12.90 -1.15 -2.99
CA SER A 179 13.15 0.26 -2.77
C SER A 179 14.67 0.55 -2.72
N THR A 180 15.41 -0.20 -1.91
CA THR A 180 16.85 -0.03 -1.76
C THR A 180 17.58 -0.22 -3.07
N PHE A 181 17.12 -1.17 -3.88
CA PHE A 181 17.71 -1.42 -5.18
C PHE A 181 17.48 -0.15 -6.00
N SER A 182 16.24 0.30 -5.99
CA SER A 182 15.80 1.49 -6.70
C SER A 182 16.70 2.70 -6.45
N ASP A 183 17.17 2.86 -5.21
CA ASP A 183 18.01 3.98 -4.82
C ASP A 183 19.47 3.92 -5.26
N THR A 184 19.98 2.74 -5.59
CA THR A 184 21.38 2.63 -5.96
C THR A 184 21.61 2.21 -7.40
N MET A 185 21.04 1.09 -7.79
CA MET A 185 21.21 0.55 -9.13
C MET A 185 20.91 1.48 -10.31
N ASP A 186 21.46 1.10 -11.47
CA ASP A 186 21.32 1.88 -12.68
C ASP A 186 20.37 1.28 -13.72
N CYS A 187 19.56 0.32 -13.29
CA CYS A 187 18.58 -0.29 -14.18
C CYS A 187 17.26 -0.32 -13.44
N LYS A 188 16.15 -0.45 -14.18
CA LYS A 188 14.82 -0.48 -13.60
C LYS A 188 14.55 -1.77 -12.85
N VAL A 189 13.74 -1.69 -11.80
CA VAL A 189 13.45 -2.84 -10.97
C VAL A 189 11.95 -3.12 -10.90
N VAL A 190 11.58 -4.39 -10.80
CA VAL A 190 10.19 -4.77 -10.71
C VAL A 190 10.03 -5.78 -9.56
N GLY A 191 9.19 -5.42 -8.60
CA GLY A 191 8.96 -6.31 -7.48
C GLY A 191 7.52 -6.71 -7.35
N ILE A 192 7.28 -8.01 -7.17
CA ILE A 192 5.94 -8.52 -7.01
C ILE A 192 5.84 -9.38 -5.77
N SER A 193 4.88 -9.08 -4.91
CA SER A 193 4.62 -9.90 -3.73
C SER A 193 3.29 -10.52 -4.14
N MET A 194 3.26 -11.83 -4.34
CA MET A 194 2.05 -12.52 -4.78
C MET A 194 0.93 -12.63 -3.74
N SER A 195 -0.20 -13.20 -4.16
CA SER A 195 -1.38 -13.40 -3.32
C SER A 195 -2.06 -12.08 -3.00
N LYS A 196 -3.25 -12.13 -2.41
CA LYS A 196 -3.95 -10.89 -2.08
C LYS A 196 -3.18 -10.15 -1.00
N LEU A 197 -2.45 -10.90 -0.17
CA LEU A 197 -1.66 -10.29 0.88
C LEU A 197 -0.65 -9.31 0.28
N GLY A 198 -0.18 -9.62 -0.92
CA GLY A 198 0.80 -8.76 -1.57
C GLY A 198 0.24 -7.77 -2.58
N LEU A 199 -1.07 -7.64 -2.66
CA LEU A 199 -1.71 -6.74 -3.60
C LEU A 199 -1.13 -5.33 -3.56
N ILE A 200 -0.84 -4.85 -2.37
CA ILE A 200 -0.29 -3.51 -2.22
C ILE A 200 1.01 -3.32 -3.06
N SER A 201 1.79 -4.37 -3.25
CA SER A 201 3.01 -4.26 -4.04
C SER A 201 2.71 -3.92 -5.52
N ARG A 202 1.55 -4.34 -6.01
CA ARG A 202 1.18 -4.07 -7.38
C ARG A 202 0.60 -2.66 -7.54
N THR A 203 -0.26 -2.26 -6.60
CA THR A 203 -0.90 -0.95 -6.65
C THR A 203 0.03 0.20 -6.29
N ALA A 204 0.91 -0.03 -5.32
CA ALA A 204 1.84 1.02 -4.93
C ALA A 204 3.25 0.73 -5.44
N GLN A 205 3.34 0.01 -6.56
CA GLN A 205 4.62 -0.34 -7.16
C GLN A 205 5.52 0.88 -7.36
N GLY A 206 4.99 1.92 -7.99
CA GLY A 206 5.77 3.12 -8.23
C GLY A 206 6.20 3.87 -6.97
N VAL A 207 5.48 3.68 -5.87
CA VAL A 207 5.83 4.36 -4.62
C VAL A 207 7.22 3.92 -4.17
N PHE A 208 7.52 2.64 -4.35
CA PHE A 208 8.81 2.12 -3.92
C PHE A 208 9.87 1.90 -4.99
N GLY A 209 9.73 2.62 -6.11
CA GLY A 209 10.69 2.53 -7.18
C GLY A 209 10.42 1.56 -8.31
N GLY A 210 9.33 0.81 -8.22
CA GLY A 210 8.98 -0.16 -9.25
C GLY A 210 8.65 0.49 -10.58
N ALA A 211 8.96 -0.19 -11.68
CA ALA A 211 8.70 0.38 -12.99
C ALA A 211 7.59 -0.30 -13.76
N LEU A 212 7.24 -1.52 -13.36
CA LEU A 212 6.19 -2.29 -14.03
C LEU A 212 5.28 -2.94 -13.00
N THR A 213 3.99 -2.97 -13.28
CA THR A 213 3.04 -3.62 -12.39
C THR A 213 2.12 -4.43 -13.31
N TYR A 214 1.87 -5.69 -12.92
CA TYR A 214 1.07 -6.59 -13.74
C TYR A 214 -0.39 -6.79 -13.36
N GLY A 215 -1.26 -6.70 -14.39
CA GLY A 215 -2.69 -6.88 -14.21
C GLY A 215 -3.25 -7.86 -15.24
N CYS A 216 -4.56 -8.09 -15.21
CA CYS A 216 -5.18 -9.03 -16.16
C CYS A 216 -6.25 -8.40 -17.04
N ILE A 217 -6.84 -9.22 -17.91
CA ILE A 217 -7.86 -8.73 -18.83
C ILE A 217 -9.27 -8.95 -18.32
N GLY A 218 -9.41 -9.69 -17.22
CA GLY A 218 -10.74 -9.92 -16.67
C GLY A 218 -10.82 -11.12 -15.75
N GLU A 219 -10.19 -12.21 -16.15
CA GLU A 219 -10.20 -13.44 -15.34
C GLU A 219 -8.84 -13.74 -14.71
N PRO A 220 -8.78 -13.77 -13.38
CA PRO A 220 -7.54 -14.03 -12.63
C PRO A 220 -7.16 -15.51 -12.63
N GLN A 221 -5.86 -15.76 -12.62
CA GLN A 221 -5.32 -17.12 -12.60
C GLN A 221 -4.85 -17.42 -11.17
N ALA A 222 -5.31 -16.59 -10.23
CA ALA A 222 -4.96 -16.72 -8.81
C ALA A 222 -5.33 -15.43 -8.07
N PRO A 223 -5.19 -15.43 -6.73
CA PRO A 223 -5.50 -14.26 -5.91
C PRO A 223 -4.36 -13.25 -6.00
N GLY A 224 -4.71 -11.96 -6.02
CA GLY A 224 -3.68 -10.94 -6.12
C GLY A 224 -3.64 -10.26 -7.49
N GLN A 225 -4.30 -10.88 -8.46
CA GLN A 225 -4.36 -10.33 -9.82
C GLN A 225 -5.48 -9.32 -9.85
N ILE A 226 -5.28 -8.24 -10.59
CA ILE A 226 -6.27 -7.16 -10.69
C ILE A 226 -6.48 -6.80 -12.15
N ASP A 227 -7.70 -6.44 -12.52
CA ASP A 227 -7.94 -6.04 -13.90
C ASP A 227 -7.10 -4.79 -14.16
N VAL A 228 -6.41 -4.74 -15.31
CA VAL A 228 -5.57 -3.60 -15.63
C VAL A 228 -6.28 -2.26 -15.54
N THR A 229 -7.60 -2.27 -15.72
CA THR A 229 -8.37 -1.04 -15.64
C THR A 229 -8.46 -0.57 -14.20
N ASP A 230 -8.65 -1.51 -13.28
CA ASP A 230 -8.73 -1.15 -11.87
C ASP A 230 -7.32 -0.89 -11.36
N LEU A 231 -6.35 -1.64 -11.89
CA LEU A 231 -4.97 -1.48 -11.51
C LEU A 231 -4.47 -0.09 -11.89
N LYS A 232 -4.81 0.35 -13.10
CA LYS A 232 -4.41 1.66 -13.59
C LYS A 232 -5.02 2.74 -12.69
N ALA A 233 -6.27 2.53 -12.29
CA ALA A 233 -6.98 3.48 -11.43
C ALA A 233 -6.29 3.60 -10.07
N GLN A 234 -5.79 2.48 -9.55
CA GLN A 234 -5.08 2.48 -8.26
C GLN A 234 -3.71 3.12 -8.37
N VAL A 235 -2.98 2.74 -9.41
CA VAL A 235 -1.65 3.28 -9.66
C VAL A 235 -1.73 4.81 -9.74
N THR A 236 -2.78 5.32 -10.38
CA THR A 236 -2.99 6.75 -10.55
C THR A 236 -3.14 7.51 -9.22
N LEU A 237 -3.47 6.81 -8.14
CA LEU A 237 -3.64 7.46 -6.84
C LEU A 237 -2.33 7.79 -6.11
N TYR A 238 -1.28 7.00 -6.38
CA TYR A 238 0.00 7.17 -5.71
C TYR A 238 1.07 8.00 -6.42
N HIS B 3 -9.59 -6.39 10.32
CA HIS B 3 -10.71 -5.55 9.86
C HIS B 3 -10.49 -4.10 10.28
N VAL B 4 -10.20 -3.24 9.30
CA VAL B 4 -9.96 -1.82 9.56
C VAL B 4 -11.30 -1.10 9.67
N GLU B 5 -11.39 -0.15 10.58
CA GLU B 5 -12.61 0.62 10.71
C GLU B 5 -12.36 1.98 10.06
N VAL B 6 -13.34 2.49 9.32
CA VAL B 6 -13.20 3.78 8.66
C VAL B 6 -13.75 4.91 9.55
N VAL B 7 -12.92 5.93 9.76
CA VAL B 7 -13.29 7.07 10.60
C VAL B 7 -13.59 8.32 9.78
N ALA B 8 -14.74 8.93 10.03
CA ALA B 8 -15.13 10.16 9.34
C ALA B 8 -14.89 11.32 10.29
N THR B 9 -14.04 12.26 9.88
CA THR B 9 -13.75 13.41 10.73
C THR B 9 -14.59 14.63 10.37
N ILE B 10 -15.30 15.18 11.35
CA ILE B 10 -16.09 16.39 11.14
C ILE B 10 -15.59 17.40 12.15
N THR B 11 -15.71 18.68 11.82
CA THR B 11 -15.23 19.75 12.68
C THR B 11 -16.21 20.91 12.60
N PRO B 12 -17.48 20.66 12.98
CA PRO B 12 -18.53 21.67 12.95
C PRO B 12 -18.32 22.75 14.00
N GLN B 13 -19.25 23.71 14.05
CA GLN B 13 -19.20 24.76 15.05
C GLN B 13 -20.35 24.42 15.97
N LEU B 14 -20.39 25.02 17.16
CA LEU B 14 -21.46 24.73 18.11
C LEU B 14 -22.75 24.34 17.41
N SER B 15 -23.14 25.11 16.41
CA SER B 15 -24.35 24.81 15.65
C SER B 15 -24.05 23.86 14.49
N ILE B 16 -24.10 22.57 14.79
CA ILE B 16 -23.84 21.52 13.81
C ILE B 16 -24.82 21.64 12.63
N GLU B 17 -24.30 22.10 11.50
CA GLU B 17 -25.06 22.29 10.26
C GLU B 17 -26.10 21.24 9.94
N GLU B 18 -26.96 21.56 8.98
CA GLU B 18 -27.99 20.64 8.54
C GLU B 18 -27.53 20.03 7.22
N THR B 19 -26.57 20.71 6.61
CA THR B 19 -25.98 20.27 5.34
C THR B 19 -25.09 19.07 5.69
N LEU B 20 -24.33 19.25 6.76
CA LEU B 20 -23.41 18.22 7.22
C LEU B 20 -24.12 16.97 7.72
N ILE B 21 -25.07 17.13 8.63
CA ILE B 21 -25.77 15.97 9.16
C ILE B 21 -26.39 15.12 8.05
N GLN B 22 -26.65 15.76 6.91
CA GLN B 22 -27.25 15.04 5.80
C GLN B 22 -26.16 14.30 4.99
N LYS B 23 -25.02 14.96 4.79
CA LYS B 23 -23.91 14.33 4.08
C LYS B 23 -23.47 13.09 4.91
N ILE B 24 -23.56 13.20 6.23
CA ILE B 24 -23.19 12.10 7.12
C ILE B 24 -24.09 10.90 6.86
N ASN B 25 -25.39 11.13 6.91
CA ASN B 25 -26.33 10.04 6.68
C ASN B 25 -26.14 9.39 5.31
N HIS B 26 -25.72 10.17 4.31
CA HIS B 26 -25.49 9.64 2.97
C HIS B 26 -24.38 8.62 2.91
N ARG B 27 -23.40 8.82 3.78
CA ARG B 27 -22.23 7.94 3.82
C ARG B 27 -22.28 6.92 4.96
N ILE B 28 -23.46 6.75 5.54
CA ILE B 28 -23.66 5.84 6.65
C ILE B 28 -22.98 4.47 6.47
N ASP B 29 -22.89 4.00 5.24
CA ASP B 29 -22.26 2.70 4.94
C ASP B 29 -20.74 2.67 5.07
N ALA B 30 -20.10 3.82 4.84
CA ALA B 30 -18.65 3.92 4.90
C ALA B 30 -18.11 4.44 6.24
N ILE B 31 -19.00 4.75 7.17
CA ILE B 31 -18.56 5.28 8.46
C ILE B 31 -18.71 4.32 9.62
N ASP B 32 -17.58 3.89 10.18
CA ASP B 32 -17.60 2.98 11.32
C ASP B 32 -17.51 3.85 12.57
N VAL B 33 -16.67 4.88 12.49
CA VAL B 33 -16.47 5.79 13.60
C VAL B 33 -16.62 7.23 13.13
N LEU B 34 -17.38 8.03 13.86
CA LEU B 34 -17.54 9.44 13.51
C LEU B 34 -16.67 10.20 14.49
N GLU B 35 -15.62 10.84 13.98
CA GLU B 35 -14.75 11.59 14.87
C GLU B 35 -15.15 13.05 14.92
N LEU B 36 -15.59 13.47 16.10
CA LEU B 36 -16.00 14.85 16.31
C LEU B 36 -14.85 15.65 16.86
N ARG B 37 -14.19 16.42 15.99
CA ARG B 37 -13.09 17.26 16.42
C ARG B 37 -13.74 18.43 17.14
N ILE B 38 -13.17 18.87 18.24
CA ILE B 38 -13.76 19.99 18.95
C ILE B 38 -12.77 21.09 19.22
N ASP B 39 -11.51 20.89 18.81
CA ASP B 39 -10.47 21.90 19.01
C ASP B 39 -10.71 23.19 18.23
N GLN B 40 -11.64 23.15 17.27
CA GLN B 40 -11.92 24.35 16.49
C GLN B 40 -12.94 25.23 17.20
N PHE B 41 -13.12 25.01 18.50
CA PHE B 41 -14.03 25.82 19.31
C PHE B 41 -13.28 26.57 20.37
N GLU B 42 -13.34 27.89 20.32
CA GLU B 42 -12.67 28.66 21.35
C GLU B 42 -13.49 28.51 22.61
N ASN B 43 -12.80 28.26 23.72
CA ASN B 43 -13.44 28.09 25.01
C ASN B 43 -14.55 27.04 24.92
N VAL B 44 -14.24 25.92 24.27
CA VAL B 44 -15.22 24.85 24.16
C VAL B 44 -15.39 24.25 25.55
N THR B 45 -16.63 23.99 25.93
CA THR B 45 -16.94 23.41 27.24
C THR B 45 -17.55 22.04 27.03
N VAL B 46 -17.49 21.21 28.07
CA VAL B 46 -18.02 19.86 28.01
C VAL B 46 -19.53 19.88 27.76
N ASP B 47 -20.20 20.93 28.22
CA ASP B 47 -21.64 21.05 28.03
C ASP B 47 -21.97 21.28 26.57
N GLN B 48 -21.17 22.13 25.91
CA GLN B 48 -21.35 22.42 24.49
C GLN B 48 -21.19 21.11 23.72
N VAL B 49 -20.14 20.38 24.05
CA VAL B 49 -19.85 19.11 23.40
C VAL B 49 -21.00 18.13 23.64
N ALA B 50 -21.53 18.12 24.85
CA ALA B 50 -22.64 17.22 25.18
C ALA B 50 -23.83 17.53 24.27
N GLU B 51 -24.08 18.81 24.05
CA GLU B 51 -25.16 19.25 23.18
C GLU B 51 -24.98 18.67 21.79
N MET B 52 -23.86 19.00 21.16
CA MET B 52 -23.58 18.52 19.80
C MET B 52 -23.79 17.02 19.63
N ILE B 53 -23.41 16.25 20.66
CA ILE B 53 -23.57 14.80 20.61
C ILE B 53 -25.03 14.41 20.41
N THR B 54 -25.90 14.89 21.28
CA THR B 54 -27.32 14.58 21.19
C THR B 54 -27.86 14.89 19.80
N LYS B 55 -27.40 16.01 19.23
CA LYS B 55 -27.82 16.45 17.90
C LYS B 55 -27.43 15.41 16.85
N LEU B 56 -26.79 14.33 17.31
CA LEU B 56 -26.35 13.26 16.42
C LEU B 56 -27.08 11.95 16.71
N LYS B 57 -26.86 11.40 17.90
CA LYS B 57 -27.50 10.14 18.28
C LYS B 57 -28.98 10.11 17.96
N ASP B 61 -26.74 5.80 15.92
CA ASP B 61 -26.39 4.51 16.51
C ASP B 61 -25.84 3.53 15.47
N SER B 62 -25.33 4.06 14.36
CA SER B 62 -24.79 3.22 13.30
C SER B 62 -23.26 3.23 13.31
N PHE B 63 -22.70 4.09 14.15
CA PHE B 63 -21.24 4.19 14.27
C PHE B 63 -20.87 4.62 15.67
N LYS B 64 -19.61 4.41 16.03
CA LYS B 64 -19.11 4.80 17.34
C LYS B 64 -18.79 6.29 17.26
N LEU B 65 -18.92 6.98 18.38
CA LEU B 65 -18.66 8.41 18.43
C LEU B 65 -17.31 8.67 19.12
N LEU B 66 -16.36 9.22 18.37
CA LEU B 66 -15.06 9.53 18.91
C LEU B 66 -14.95 11.05 19.03
N VAL B 67 -14.50 11.54 20.18
CA VAL B 67 -14.35 12.99 20.37
C VAL B 67 -12.89 13.30 20.53
N THR B 68 -12.41 14.20 19.68
CA THR B 68 -11.02 14.57 19.65
C THR B 68 -10.75 16.06 19.76
N TYR B 69 -9.91 16.45 20.71
CA TYR B 69 -9.53 17.86 20.82
C TYR B 69 -8.05 17.86 20.43
N ARG B 70 -7.76 18.23 19.18
CA ARG B 70 -6.38 18.26 18.70
C ARG B 70 -5.75 19.61 19.04
N THR B 71 -4.66 19.58 19.80
CA THR B 71 -3.98 20.81 20.18
C THR B 71 -3.15 21.30 19.02
N LYS B 72 -2.92 22.61 18.98
CA LYS B 72 -2.13 23.19 17.90
C LYS B 72 -0.73 22.58 17.91
N LEU B 73 -0.24 22.31 19.12
CA LEU B 73 1.07 21.70 19.29
C LEU B 73 1.15 20.46 18.38
N GLN B 74 0.07 19.67 18.34
CA GLN B 74 0.08 18.47 17.52
C GLN B 74 -0.73 18.52 16.22
N GLY B 75 -0.76 19.70 15.61
CA GLY B 75 -1.45 19.88 14.34
C GLY B 75 -2.88 20.37 14.29
N GLY B 76 -3.47 20.65 15.45
CA GLY B 76 -4.84 21.10 15.47
C GLY B 76 -5.05 22.60 15.66
N TYR B 77 -6.24 22.95 16.13
CA TYR B 77 -6.61 24.35 16.37
C TYR B 77 -6.68 24.67 17.85
N GLY B 78 -6.61 23.64 18.69
CA GLY B 78 -6.68 23.85 20.13
C GLY B 78 -5.54 24.62 20.77
N GLN B 79 -5.88 25.77 21.35
CA GLN B 79 -4.88 26.61 22.01
C GLN B 79 -5.00 26.56 23.53
N PHE B 80 -5.94 25.78 24.02
CA PHE B 80 -6.12 25.62 25.46
C PHE B 80 -4.78 25.38 26.14
N THR B 81 -4.72 25.72 27.42
CA THR B 81 -3.54 25.49 28.23
C THR B 81 -3.48 23.98 28.39
N ASN B 82 -2.28 23.42 28.51
CA ASN B 82 -2.15 21.97 28.69
C ASN B 82 -3.00 21.54 29.89
N ASP B 83 -3.00 22.38 30.91
CA ASP B 83 -3.75 22.09 32.12
C ASP B 83 -5.25 22.07 31.86
N SER B 84 -5.73 23.04 31.08
CA SER B 84 -7.14 23.12 30.75
C SER B 84 -7.49 22.00 29.78
N TYR B 85 -6.50 21.59 28.97
CA TYR B 85 -6.67 20.51 28.01
C TYR B 85 -6.96 19.19 28.73
N LEU B 86 -6.10 18.83 29.67
CA LEU B 86 -6.28 17.58 30.40
C LEU B 86 -7.56 17.57 31.23
N ASN B 87 -7.99 18.76 31.66
CA ASN B 87 -9.22 18.88 32.44
C ASN B 87 -10.39 18.58 31.53
N LEU B 88 -10.33 19.12 30.32
CA LEU B 88 -11.40 18.89 29.34
C LEU B 88 -11.50 17.41 29.01
N ILE B 89 -10.35 16.78 28.77
CA ILE B 89 -10.36 15.37 28.44
C ILE B 89 -10.95 14.52 29.56
N SER B 90 -10.61 14.85 30.80
CA SER B 90 -11.15 14.11 31.94
C SER B 90 -12.67 14.34 32.05
N ASP B 91 -13.11 15.57 31.79
CA ASP B 91 -14.54 15.90 31.87
C ASP B 91 -15.44 15.22 30.83
N LEU B 92 -14.87 14.88 29.68
CA LEU B 92 -15.65 14.24 28.62
C LEU B 92 -16.13 12.85 29.01
N ALA B 93 -15.57 12.31 30.08
CA ALA B 93 -15.93 10.98 30.55
C ALA B 93 -17.37 10.90 31.03
N ASN B 94 -17.89 12.02 31.51
CA ASN B 94 -19.25 12.09 32.02
C ASN B 94 -20.32 12.16 30.94
N ILE B 95 -19.91 12.37 29.69
CA ILE B 95 -20.86 12.43 28.58
C ILE B 95 -21.17 11.02 28.10
N ASN B 96 -22.29 10.48 28.57
CA ASN B 96 -22.71 9.12 28.25
C ASN B 96 -22.65 8.72 26.76
N GLY B 97 -23.01 9.63 25.86
CA GLY B 97 -23.00 9.31 24.44
C GLY B 97 -21.66 9.11 23.77
N ILE B 98 -20.56 9.50 24.43
CA ILE B 98 -19.22 9.35 23.88
C ILE B 98 -18.74 7.90 23.99
N ASP B 99 -18.28 7.34 22.88
CA ASP B 99 -17.77 5.96 22.90
C ASP B 99 -16.23 5.93 23.03
N MET B 100 -15.56 6.84 22.34
CA MET B 100 -14.09 6.89 22.34
C MET B 100 -13.59 8.31 22.57
N ILE B 101 -12.48 8.43 23.29
CA ILE B 101 -11.87 9.72 23.59
C ILE B 101 -10.38 9.68 23.21
N ASP B 102 -9.89 10.75 22.58
CA ASP B 102 -8.50 10.86 22.16
C ASP B 102 -7.68 11.64 23.20
N ILE B 103 -6.52 11.11 23.57
CA ILE B 103 -5.64 11.78 24.54
C ILE B 103 -4.26 11.81 23.88
N GLU B 104 -3.67 12.99 23.82
CA GLU B 104 -2.37 13.15 23.17
C GLU B 104 -1.16 12.75 24.02
N TRP B 105 -0.21 12.09 23.39
CA TRP B 105 1.02 11.66 24.07
C TRP B 105 2.21 12.40 23.50
N GLN B 106 3.20 12.65 24.34
CA GLN B 106 4.42 13.32 23.94
C GLN B 106 5.41 13.12 25.05
N ALA B 107 6.69 13.19 24.70
CA ALA B 107 7.79 12.97 25.64
C ALA B 107 7.67 13.66 27.00
N ASP B 108 7.30 14.93 26.98
CA ASP B 108 7.20 15.71 28.22
C ASP B 108 5.95 15.54 29.07
N ILE B 109 5.10 14.56 28.82
CA ILE B 109 3.91 14.45 29.65
C ILE B 109 4.22 13.97 31.07
N ASP B 110 3.32 14.30 32.00
CA ASP B 110 3.37 13.88 33.41
C ASP B 110 2.71 12.52 33.34
N ILE B 111 3.53 11.48 33.32
CA ILE B 111 3.06 10.11 33.18
C ILE B 111 2.03 9.61 34.18
N GLU B 112 2.28 9.80 35.47
CA GLU B 112 1.32 9.34 36.46
C GLU B 112 -0.03 10.05 36.34
N LYS B 113 0.00 11.29 35.88
CA LYS B 113 -1.22 12.07 35.70
C LYS B 113 -2.01 11.51 34.52
N HIS B 114 -1.31 11.22 33.42
CA HIS B 114 -1.95 10.66 32.24
C HIS B 114 -2.61 9.32 32.57
N GLN B 115 -1.90 8.46 33.31
CA GLN B 115 -2.47 7.17 33.67
C GLN B 115 -3.75 7.36 34.48
N ARG B 116 -3.73 8.33 35.39
CA ARG B 116 -4.91 8.62 36.21
C ARG B 116 -6.11 9.00 35.34
N ILE B 117 -5.88 9.84 34.34
CA ILE B 117 -6.95 10.27 33.45
C ILE B 117 -7.45 9.13 32.57
N ILE B 118 -6.51 8.36 32.00
CA ILE B 118 -6.85 7.22 31.14
C ILE B 118 -7.66 6.19 31.91
N THR B 119 -7.25 5.89 33.14
CA THR B 119 -7.95 4.93 33.98
C THR B 119 -9.34 5.46 34.29
N HIS B 120 -9.41 6.76 34.57
CA HIS B 120 -10.67 7.43 34.86
C HIS B 120 -11.62 7.23 33.67
N LEU B 121 -11.15 7.53 32.47
CA LEU B 121 -11.94 7.36 31.26
C LEU B 121 -12.45 5.93 31.06
N GLN B 122 -11.56 4.96 31.25
CA GLN B 122 -11.96 3.58 31.07
C GLN B 122 -12.95 3.10 32.14
N GLN B 123 -12.95 3.75 33.30
CA GLN B 123 -13.89 3.41 34.37
C GLN B 123 -15.30 3.91 33.99
N TYR B 124 -15.36 4.85 33.05
CA TYR B 124 -16.63 5.37 32.54
C TYR B 124 -16.98 4.63 31.25
N ASN B 125 -16.24 3.55 31.01
CA ASN B 125 -16.41 2.68 29.84
C ASN B 125 -16.17 3.37 28.51
N LYS B 126 -15.16 4.25 28.49
CA LYS B 126 -14.78 4.97 27.28
C LYS B 126 -13.52 4.32 26.76
N GLU B 127 -13.48 4.08 25.45
CA GLU B 127 -12.32 3.50 24.80
C GLU B 127 -11.33 4.64 24.64
N VAL B 128 -10.08 4.42 25.03
CA VAL B 128 -9.08 5.46 24.90
C VAL B 128 -8.15 5.27 23.71
N ILE B 129 -7.96 6.38 22.98
CA ILE B 129 -7.07 6.44 21.82
C ILE B 129 -5.94 7.37 22.22
N ILE B 130 -4.75 6.83 22.45
CA ILE B 130 -3.61 7.68 22.80
C ILE B 130 -2.96 7.97 21.46
N SER B 131 -2.72 9.23 21.15
CA SER B 131 -2.12 9.57 19.86
C SER B 131 -0.88 10.45 19.95
N HIS B 132 -0.04 10.34 18.93
CA HIS B 132 1.15 11.16 18.87
C HIS B 132 1.35 11.58 17.43
N HIS B 133 1.70 12.84 17.22
CA HIS B 133 1.91 13.34 15.87
C HIS B 133 3.25 14.03 15.72
N ASN B 134 4.00 13.63 14.71
CA ASN B 134 5.28 14.25 14.42
C ASN B 134 5.16 14.73 12.98
N PHE B 135 5.03 16.04 12.80
CA PHE B 135 4.89 16.61 11.45
C PHE B 135 6.24 16.95 10.83
N GLU B 136 7.33 16.75 11.58
CA GLU B 136 8.67 17.07 11.09
C GLU B 136 9.40 15.93 10.43
N SER B 137 9.32 14.75 11.04
CA SER B 137 10.03 13.62 10.46
C SER B 137 9.52 12.26 10.94
N THR B 138 10.24 11.24 10.54
CA THR B 138 9.92 9.89 10.93
C THR B 138 11.18 9.34 11.59
N PRO B 139 11.13 9.19 12.92
CA PRO B 139 12.30 8.66 13.63
C PRO B 139 12.65 7.26 13.11
N PRO B 140 13.85 6.77 13.44
CA PRO B 140 14.27 5.44 13.01
C PRO B 140 13.30 4.39 13.54
N LEU B 141 13.33 3.20 12.95
CA LEU B 141 12.44 2.11 13.36
C LEU B 141 12.46 1.86 14.89
N ASP B 142 13.65 1.65 15.45
CA ASP B 142 13.77 1.38 16.90
C ASP B 142 13.08 2.46 17.72
N GLU B 143 13.19 3.71 17.28
CA GLU B 143 12.57 4.81 17.98
C GLU B 143 11.05 4.76 17.83
N LEU B 144 10.57 4.40 16.64
CA LEU B 144 9.13 4.29 16.40
C LEU B 144 8.58 3.22 17.34
N GLN B 145 9.24 2.08 17.40
CA GLN B 145 8.78 1.02 18.25
C GLN B 145 8.78 1.42 19.72
N PHE B 146 9.76 2.23 20.13
CA PHE B 146 9.84 2.68 21.52
C PHE B 146 8.71 3.66 21.84
N ILE B 147 8.32 4.48 20.87
CA ILE B 147 7.21 5.41 21.09
C ILE B 147 5.94 4.57 21.33
N PHE B 148 5.72 3.58 20.47
CA PHE B 148 4.56 2.69 20.58
C PHE B 148 4.58 1.99 21.93
N PHE B 149 5.77 1.58 22.36
CA PHE B 149 5.94 0.88 23.63
C PHE B 149 5.48 1.71 24.84
N LYS B 150 5.93 2.96 24.91
CA LYS B 150 5.58 3.84 26.02
C LYS B 150 4.10 4.22 26.02
N MET B 151 3.52 4.37 24.83
CA MET B 151 2.11 4.71 24.73
C MET B 151 1.23 3.56 25.21
N GLN B 152 1.54 2.33 24.78
CA GLN B 152 0.73 1.19 25.19
C GLN B 152 0.90 0.87 26.67
N LYS B 153 1.92 1.44 27.30
CA LYS B 153 2.12 1.19 28.74
C LYS B 153 0.92 1.66 29.54
N PHE B 154 0.14 2.60 28.99
CA PHE B 154 -1.05 3.12 29.67
C PHE B 154 -2.25 2.20 29.46
N ASN B 155 -2.04 1.13 28.69
CA ASN B 155 -3.09 0.16 28.40
C ASN B 155 -4.34 0.80 27.81
N PRO B 156 -4.17 1.60 26.75
CA PRO B 156 -5.31 2.25 26.10
C PRO B 156 -6.00 1.21 25.19
N GLU B 157 -7.05 1.62 24.50
CA GLU B 157 -7.72 0.68 23.60
C GLU B 157 -7.00 0.74 22.26
N TYR B 158 -6.49 1.92 21.94
CA TYR B 158 -5.78 2.15 20.70
C TYR B 158 -4.53 3.02 20.91
N VAL B 159 -3.48 2.77 20.13
CA VAL B 159 -2.29 3.62 20.14
C VAL B 159 -2.23 4.15 18.71
N LYS B 160 -2.10 5.46 18.54
CA LYS B 160 -2.05 6.08 17.22
C LYS B 160 -0.79 6.91 17.03
N LEU B 161 -0.03 6.58 15.99
CA LEU B 161 1.21 7.29 15.68
C LEU B 161 1.22 7.82 14.24
N ALA B 162 1.34 9.14 14.09
CA ALA B 162 1.38 9.75 12.77
C ALA B 162 2.75 10.42 12.65
N VAL B 163 3.46 10.12 11.58
CA VAL B 163 4.79 10.67 11.35
C VAL B 163 4.92 11.21 9.92
N MET B 164 5.89 12.10 9.71
CA MET B 164 6.13 12.69 8.40
C MET B 164 7.34 12.08 7.71
N PRO B 165 7.15 11.48 6.53
CA PRO B 165 8.23 10.87 5.78
C PRO B 165 9.08 11.81 4.91
N HIS B 166 10.37 11.51 4.79
CA HIS B 166 11.29 12.29 3.97
C HIS B 166 11.78 11.43 2.84
N ASN B 167 11.46 10.14 2.93
CA ASN B 167 11.89 9.18 1.93
C ASN B 167 11.08 7.91 2.02
N LYS B 168 11.29 7.00 1.07
CA LYS B 168 10.57 5.73 1.04
C LYS B 168 10.82 4.87 2.27
N ASN B 169 12.06 4.86 2.76
CA ASN B 169 12.38 4.07 3.94
C ASN B 169 11.60 4.52 5.17
N ASP B 170 11.30 5.82 5.26
CA ASP B 170 10.53 6.34 6.39
C ASP B 170 9.13 5.74 6.37
N VAL B 171 8.59 5.57 5.17
CA VAL B 171 7.25 5.01 5.03
C VAL B 171 7.30 3.54 5.46
N LEU B 172 8.30 2.81 4.93
CA LEU B 172 8.45 1.40 5.25
C LEU B 172 8.67 1.17 6.75
N ASN B 173 9.47 2.01 7.39
CA ASN B 173 9.72 1.88 8.83
C ASN B 173 8.42 2.05 9.60
N LEU B 174 7.60 3.03 9.22
CA LEU B 174 6.32 3.26 9.90
C LEU B 174 5.46 2.01 9.74
N LEU B 175 5.39 1.48 8.51
CA LEU B 175 4.60 0.28 8.25
C LEU B 175 5.13 -0.90 9.08
N GLN B 176 6.45 -1.05 9.14
CA GLN B 176 7.05 -2.13 9.91
C GLN B 176 6.77 -2.01 11.41
N ALA B 177 6.89 -0.79 11.93
CA ALA B 177 6.65 -0.56 13.36
C ALA B 177 5.20 -0.93 13.71
N MET B 178 4.27 -0.58 12.84
CA MET B 178 2.87 -0.89 13.09
C MET B 178 2.62 -2.38 12.95
N SER B 179 3.21 -2.97 11.92
CA SER B 179 3.04 -4.39 11.66
C SER B 179 3.58 -5.24 12.81
N THR B 180 4.80 -4.93 13.25
CA THR B 180 5.44 -5.66 14.35
C THR B 180 4.67 -5.50 15.65
N PHE B 181 4.14 -4.31 15.88
CA PHE B 181 3.37 -4.02 17.09
C PHE B 181 2.11 -4.89 17.03
N SER B 182 1.46 -4.86 15.88
CA SER B 182 0.24 -5.62 15.63
C SER B 182 0.39 -7.11 15.97
N ASP B 183 1.57 -7.65 15.72
CA ASP B 183 1.85 -9.06 15.95
C ASP B 183 2.11 -9.44 17.40
N THR B 184 2.63 -8.52 18.21
CA THR B 184 2.95 -8.86 19.59
C THR B 184 2.16 -8.20 20.71
N MET B 185 1.72 -6.97 20.51
CA MET B 185 0.98 -6.27 21.56
C MET B 185 -0.50 -6.60 21.67
N ASP B 186 -1.09 -6.28 22.80
CA ASP B 186 -2.50 -6.59 23.01
C ASP B 186 -3.52 -5.55 22.60
N CYS B 187 -3.13 -4.29 22.47
CA CYS B 187 -4.11 -3.29 22.07
C CYS B 187 -3.99 -2.97 20.58
N LYS B 188 -5.02 -2.33 20.05
CA LYS B 188 -5.03 -1.98 18.63
C LYS B 188 -4.03 -0.86 18.27
N VAL B 189 -3.58 -0.88 17.02
CA VAL B 189 -2.62 0.12 16.57
C VAL B 189 -3.05 0.81 15.29
N VAL B 190 -2.72 2.10 15.20
CA VAL B 190 -3.02 2.92 14.04
C VAL B 190 -1.71 3.57 13.67
N GLY B 191 -1.22 3.27 12.49
CA GLY B 191 0.04 3.82 12.02
C GLY B 191 -0.19 4.68 10.80
N ILE B 192 0.24 5.93 10.87
CA ILE B 192 0.05 6.86 9.78
C ILE B 192 1.33 7.56 9.36
N SER B 193 1.66 7.43 8.08
CA SER B 193 2.81 8.09 7.47
C SER B 193 2.12 9.15 6.62
N MET B 194 2.34 10.41 6.95
CA MET B 194 1.70 11.54 6.26
C MET B 194 2.21 11.93 4.87
N SER B 195 1.50 12.88 4.26
CA SER B 195 1.82 13.40 2.92
C SER B 195 1.47 12.38 1.86
N LYS B 196 1.59 12.74 0.58
CA LYS B 196 1.26 11.80 -0.48
C LYS B 196 2.21 10.62 -0.46
N LEU B 197 3.45 10.88 -0.08
CA LEU B 197 4.47 9.84 0.00
C LEU B 197 3.97 8.69 0.88
N GLY B 198 3.30 9.04 1.98
CA GLY B 198 2.82 8.01 2.89
C GLY B 198 1.40 7.52 2.68
N LEU B 199 0.78 7.88 1.55
CA LEU B 199 -0.59 7.47 1.26
C LEU B 199 -0.88 5.97 1.46
N ILE B 200 0.05 5.11 1.06
CA ILE B 200 -0.10 3.66 1.18
C ILE B 200 -0.45 3.19 2.61
N SER B 201 0.04 3.90 3.62
CA SER B 201 -0.23 3.54 5.01
C SER B 201 -1.71 3.72 5.37
N ARG B 202 -2.36 4.71 4.76
CA ARG B 202 -3.77 4.99 5.03
C ARG B 202 -4.71 4.08 4.26
N THR B 203 -4.36 3.77 3.01
CA THR B 203 -5.18 2.91 2.17
C THR B 203 -5.02 1.42 2.49
N ALA B 204 -3.78 0.99 2.76
CA ALA B 204 -3.51 -0.41 3.07
C ALA B 204 -3.27 -0.60 4.57
N GLN B 205 -3.86 0.28 5.37
CA GLN B 205 -3.72 0.21 6.82
C GLN B 205 -3.97 -1.20 7.36
N GLY B 206 -5.02 -1.85 6.88
CA GLY B 206 -5.36 -3.18 7.36
C GLY B 206 -4.38 -4.28 7.00
N VAL B 207 -3.69 -4.11 5.88
CA VAL B 207 -2.72 -5.11 5.45
C VAL B 207 -1.59 -5.21 6.48
N PHE B 208 -1.25 -4.09 7.10
CA PHE B 208 -0.16 -4.12 8.06
C PHE B 208 -0.59 -4.06 9.53
N GLY B 209 -1.75 -4.62 9.82
CA GLY B 209 -2.22 -4.69 11.19
C GLY B 209 -2.89 -3.47 11.78
N GLY B 210 -3.03 -2.40 11.00
CA GLY B 210 -3.66 -1.19 11.49
C GLY B 210 -5.14 -1.36 11.77
N ALA B 211 -5.67 -0.56 12.69
CA ALA B 211 -7.08 -0.66 13.09
C ALA B 211 -8.01 0.47 12.62
N LEU B 212 -7.46 1.64 12.35
CA LEU B 212 -8.26 2.78 11.92
C LEU B 212 -7.66 3.51 10.72
N THR B 213 -8.53 4.08 9.89
CA THR B 213 -8.07 4.85 8.76
C THR B 213 -9.04 6.03 8.68
N TYR B 214 -8.49 7.23 8.69
CA TYR B 214 -9.28 8.46 8.72
C TYR B 214 -9.61 9.10 7.38
N GLY B 215 -10.85 9.56 7.27
CA GLY B 215 -11.31 10.21 6.06
C GLY B 215 -12.16 11.42 6.41
N CYS B 216 -12.59 12.15 5.38
CA CYS B 216 -13.42 13.32 5.55
C CYS B 216 -14.76 13.12 4.85
N ILE B 217 -15.63 14.13 4.96
CA ILE B 217 -16.93 14.09 4.31
C ILE B 217 -16.88 15.03 3.10
N GLY B 218 -16.01 16.04 3.17
CA GLY B 218 -15.87 17.00 2.09
C GLY B 218 -14.44 17.40 1.73
N GLU B 219 -13.69 17.93 2.71
CA GLU B 219 -12.30 18.36 2.51
C GLU B 219 -11.35 17.83 3.60
N PRO B 220 -10.08 17.57 3.25
CA PRO B 220 -9.01 17.06 4.13
C PRO B 220 -8.90 17.69 5.53
N GLN B 221 -8.75 16.84 6.54
CA GLN B 221 -8.60 17.28 7.94
C GLN B 221 -7.19 16.93 8.41
N ALA B 222 -6.44 16.32 7.50
CA ALA B 222 -5.06 15.89 7.72
C ALA B 222 -4.41 15.88 6.32
N PRO B 223 -3.11 15.55 6.22
CA PRO B 223 -2.43 15.53 4.92
C PRO B 223 -3.28 15.02 3.74
N GLY B 224 -3.92 15.96 3.02
CA GLY B 224 -4.75 15.62 1.88
C GLY B 224 -5.65 14.43 2.15
N GLN B 225 -6.75 14.65 2.89
CA GLN B 225 -7.66 13.56 3.21
C GLN B 225 -8.52 13.10 2.04
N ILE B 226 -9.03 11.89 2.19
CA ILE B 226 -9.87 11.23 1.21
C ILE B 226 -11.29 11.09 1.74
N ASP B 227 -12.28 11.12 0.85
CA ASP B 227 -13.66 10.96 1.26
C ASP B 227 -13.73 9.55 1.83
N VAL B 228 -14.45 9.38 2.94
CA VAL B 228 -14.58 8.08 3.58
C VAL B 228 -15.14 7.02 2.63
N THR B 229 -15.92 7.45 1.65
CA THR B 229 -16.51 6.53 0.66
C THR B 229 -15.42 5.89 -0.19
N ASP B 230 -14.45 6.70 -0.59
CA ASP B 230 -13.32 6.22 -1.38
C ASP B 230 -12.42 5.38 -0.48
N LEU B 231 -12.33 5.82 0.77
CA LEU B 231 -11.51 5.12 1.74
C LEU B 231 -12.13 3.76 2.05
N LYS B 232 -13.45 3.72 2.14
CA LYS B 232 -14.14 2.47 2.42
C LYS B 232 -13.82 1.52 1.26
N ALA B 233 -13.84 2.07 0.05
CA ALA B 233 -13.54 1.29 -1.16
C ALA B 233 -12.12 0.73 -1.06
N GLN B 234 -11.21 1.53 -0.54
CA GLN B 234 -9.81 1.12 -0.38
C GLN B 234 -9.70 -0.06 0.60
N VAL B 235 -10.29 0.11 1.77
CA VAL B 235 -10.26 -0.92 2.79
C VAL B 235 -10.84 -2.23 2.24
N THR B 236 -11.85 -2.10 1.40
CA THR B 236 -12.53 -3.23 0.79
C THR B 236 -11.66 -3.92 -0.27
N LEU B 237 -10.76 -3.16 -0.87
CA LEU B 237 -9.88 -3.69 -1.90
C LEU B 237 -8.77 -4.60 -1.35
N TYR B 238 -8.30 -4.29 -0.14
CA TYR B 238 -7.24 -5.07 0.49
C TYR B 238 -7.74 -6.05 1.55
#